data_5F6R
#
_entry.id   5F6R
#
_cell.length_a   52.982
_cell.length_b   54.885
_cell.length_c   102.866
_cell.angle_alpha   90.00
_cell.angle_beta   90.00
_cell.angle_gamma   90.00
#
_symmetry.space_group_name_H-M   'P 21 21 21'
#
loop_
_entity.id
_entity.type
_entity.pdbx_description
1 polymer '3-hydroxydecanoyl-[acyl-carrier-protein] dehydratase'
2 non-polymer '6-oxidanylidene-6-phenyl-hexanoic acid'
3 non-polymer 'PHOSPHATE ION'
4 water water
#
_entity_poly.entity_id   1
_entity_poly.type   'polypeptide(L)'
_entity_poly.pdbx_seq_one_letter_code
;SNAMVDKRESYTKEDLEASGRGELFGAGGPPLPAGNMLMMDRIVKMIEDGGSHNKGYVEAELDINPDLWFFGCHFIGDPV
MPGCLGLDAMWQLVGFYLGWLGGEGKGRALGVGEVKFTGQVLPDAKKVTYRINFKRVIMRKLIMGVADGEVLVDGKVIYT
ATDLKVGLFKDTNAF
;
_entity_poly.pdbx_strand_id   A,B
#
# COMPACT_ATOMS: atom_id res chain seq x y z
N SER A 1 15.31 22.55 -14.32
N SER A 1 15.32 22.49 -14.02
CA SER A 1 14.16 21.96 -13.66
CA SER A 1 14.04 22.20 -13.41
C SER A 1 12.90 22.24 -14.48
C SER A 1 12.91 22.25 -14.44
N ASN A 2 11.75 21.73 -14.04
CA ASN A 2 10.53 21.86 -14.81
C ASN A 2 9.91 23.22 -14.53
N ALA A 3 9.82 24.07 -15.56
CA ALA A 3 9.28 25.42 -15.42
C ALA A 3 7.76 25.48 -15.46
N MET A 4 7.08 24.38 -15.77
N MET A 4 7.09 24.37 -15.78
CA MET A 4 5.66 24.44 -16.11
CA MET A 4 5.67 24.37 -16.11
C MET A 4 4.73 24.29 -14.92
C MET A 4 4.74 24.15 -14.93
N VAL A 5 5.26 24.17 -13.70
CA VAL A 5 4.45 23.85 -12.53
C VAL A 5 3.49 24.99 -12.20
N ASP A 6 2.19 24.68 -12.12
CA ASP A 6 1.21 25.58 -11.53
C ASP A 6 1.38 25.40 -10.03
N LYS A 7 2.21 26.25 -9.44
N LYS A 7 2.18 26.27 -9.41
CA LYS A 7 2.65 26.11 -8.05
CA LYS A 7 2.66 26.10 -8.05
C LYS A 7 1.77 26.99 -7.17
C LYS A 7 1.87 26.97 -7.09
N ARG A 8 1.00 26.35 -6.29
CA ARG A 8 0.13 27.03 -5.34
C ARG A 8 0.22 26.31 -3.99
N GLU A 9 -0.27 26.97 -2.94
N GLU A 9 -0.27 26.98 -2.95
CA GLU A 9 -0.16 26.45 -1.59
CA GLU A 9 -0.21 26.51 -1.56
C GLU A 9 -1.20 25.37 -1.30
C GLU A 9 -1.27 25.48 -1.24
N SER A 10 -2.26 25.30 -2.10
CA SER A 10 -3.32 24.34 -1.89
C SER A 10 -3.90 24.00 -3.25
N TYR A 11 -4.54 22.84 -3.33
CA TYR A 11 -5.09 22.31 -4.57
C TYR A 11 -6.45 21.68 -4.32
N THR A 12 -7.35 21.84 -5.29
CA THR A 12 -8.69 21.29 -5.25
C THR A 12 -8.74 19.91 -5.92
N LYS A 13 -9.89 19.25 -5.80
N LYS A 13 -9.90 19.27 -5.80
CA LYS A 13 -10.09 17.96 -6.45
CA LYS A 13 -10.11 17.97 -6.44
C LYS A 13 -9.84 18.06 -7.95
C LYS A 13 -9.87 18.05 -7.94
N GLU A 14 -10.34 19.12 -8.59
CA GLU A 14 -10.13 19.27 -10.02
C GLU A 14 -8.64 19.45 -10.34
N ASP A 15 -7.90 20.15 -9.47
CA ASP A 15 -6.45 20.23 -9.64
C ASP A 15 -5.81 18.84 -9.58
N LEU A 16 -6.26 18.01 -8.63
CA LEU A 16 -5.67 16.68 -8.49
C LEU A 16 -5.99 15.81 -9.71
N GLU A 17 -7.19 15.97 -10.26
CA GLU A 17 -7.53 15.23 -11.48
C GLU A 17 -6.68 15.73 -12.65
N ALA A 18 -6.45 17.04 -12.73
CA ALA A 18 -5.56 17.58 -13.74
C ALA A 18 -4.15 17.02 -13.58
N SER A 19 -3.68 16.88 -12.34
CA SER A 19 -2.39 16.26 -12.09
C SER A 19 -2.33 14.83 -12.64
N GLY A 20 -3.40 14.05 -12.42
CA GLY A 20 -3.41 12.69 -12.96
C GLY A 20 -3.23 12.66 -14.46
N ARG A 21 -3.76 13.66 -15.16
CA ARG A 21 -3.64 13.77 -16.60
C ARG A 21 -2.34 14.43 -17.04
N GLY A 22 -1.45 14.77 -16.10
CA GLY A 22 -0.20 15.41 -16.44
C GLY A 22 -0.27 16.90 -16.68
N GLU A 23 -1.42 17.52 -16.44
CA GLU A 23 -1.62 18.92 -16.80
C GLU A 23 -1.13 19.89 -15.75
N LEU A 24 -1.20 19.52 -14.48
CA LEU A 24 -0.95 20.50 -13.42
C LEU A 24 0.52 20.94 -13.41
N PHE A 25 1.43 19.97 -13.53
CA PHE A 25 2.86 20.24 -13.55
C PHE A 25 3.41 20.28 -14.98
N GLY A 26 2.63 19.87 -15.97
CA GLY A 26 3.12 19.81 -17.33
C GLY A 26 3.86 18.51 -17.62
N ALA A 27 4.31 18.40 -18.88
CA ALA A 27 4.81 17.13 -19.39
C ALA A 27 6.00 16.61 -18.60
N GLY A 28 6.83 17.51 -18.08
CA GLY A 28 8.03 17.08 -17.41
C GLY A 28 7.88 16.67 -15.96
N GLY A 29 6.69 16.79 -15.38
CA GLY A 29 6.53 16.56 -13.96
C GLY A 29 5.78 15.29 -13.61
N PRO A 30 5.86 14.87 -12.36
CA PRO A 30 5.24 13.60 -11.96
C PRO A 30 3.74 13.76 -11.76
N PRO A 31 2.92 13.00 -12.49
CA PRO A 31 1.47 13.01 -12.23
C PRO A 31 1.14 12.24 -10.95
N LEU A 32 0.03 12.63 -10.33
CA LEU A 32 -0.56 11.79 -9.31
C LEU A 32 -1.22 10.58 -9.97
N PRO A 33 -1.50 9.52 -9.21
CA PRO A 33 -2.40 8.49 -9.74
C PRO A 33 -3.76 9.08 -10.00
N ALA A 34 -4.52 8.41 -10.85
CA ALA A 34 -5.86 8.83 -11.22
C ALA A 34 -6.90 7.86 -10.67
N GLY A 35 -8.15 8.31 -10.72
CA GLY A 35 -9.29 7.42 -10.50
C GLY A 35 -9.21 6.67 -9.19
N ASN A 36 -9.33 5.34 -9.27
CA ASN A 36 -9.40 4.52 -8.07
C ASN A 36 -8.09 4.46 -7.30
N MET A 37 -6.97 4.89 -7.87
CA MET A 37 -5.74 4.95 -7.09
C MET A 37 -5.47 6.32 -6.48
N LEU A 38 -6.25 7.35 -6.79
CA LEU A 38 -6.06 8.65 -6.17
C LEU A 38 -6.69 8.61 -4.79
N MET A 39 -5.89 8.89 -3.76
CA MET A 39 -6.31 8.68 -2.38
C MET A 39 -6.53 9.97 -1.61
N MET A 40 -6.71 11.09 -2.33
N MET A 40 -6.83 11.06 -2.31
CA MET A 40 -6.96 12.41 -1.77
CA MET A 40 -7.17 12.28 -1.61
C MET A 40 -8.07 13.07 -2.56
C MET A 40 -8.00 13.14 -2.54
N ASP A 41 -8.77 14.02 -1.91
CA ASP A 41 -9.65 14.95 -2.59
C ASP A 41 -9.06 16.35 -2.69
N ARG A 42 -8.19 16.74 -1.75
CA ARG A 42 -7.63 18.08 -1.79
C ARG A 42 -6.30 18.07 -1.06
N ILE A 43 -5.44 19.01 -1.43
CA ILE A 43 -4.23 19.31 -0.69
C ILE A 43 -4.46 20.65 -0.03
N VAL A 44 -4.46 20.66 1.31
CA VAL A 44 -4.84 21.87 2.03
C VAL A 44 -3.66 22.77 2.33
N LYS A 45 -2.43 22.27 2.28
N LYS A 45 -2.43 22.27 2.28
CA LYS A 45 -1.26 23.05 2.68
CA LYS A 45 -1.28 23.11 2.58
C LYS A 45 -0.01 22.48 2.06
C LYS A 45 -0.02 22.48 2.03
N MET A 46 0.80 23.36 1.46
N MET A 46 0.79 23.30 1.36
CA MET A 46 2.15 23.03 0.99
CA MET A 46 2.15 22.93 0.98
C MET A 46 3.04 24.20 1.39
C MET A 46 3.03 24.12 1.27
N ILE A 47 4.10 23.93 2.16
N ILE A 47 4.04 23.93 2.11
CA ILE A 47 5.02 24.98 2.62
CA ILE A 47 4.96 25.01 2.45
C ILE A 47 6.44 24.49 2.42
C ILE A 47 6.39 24.50 2.37
N GLU A 48 7.21 25.21 1.59
CA GLU A 48 8.55 24.73 1.26
C GLU A 48 9.47 24.74 2.47
N ASP A 49 9.39 25.75 3.33
CA ASP A 49 10.26 25.78 4.50
C ASP A 49 9.56 25.33 5.78
N GLY A 50 8.47 24.57 5.65
CA GLY A 50 7.65 24.24 6.78
C GLY A 50 7.97 22.88 7.38
N GLY A 51 7.19 22.54 8.39
CA GLY A 51 7.26 21.23 8.98
C GLY A 51 8.32 21.12 10.04
N SER A 52 8.43 19.91 10.57
CA SER A 52 9.23 19.66 11.76
C SER A 52 10.72 19.79 11.53
N HIS A 53 11.18 19.85 10.27
CA HIS A 53 12.60 19.99 9.98
C HIS A 53 12.90 21.19 9.08
N ASN A 54 11.92 22.06 8.85
CA ASN A 54 12.06 23.21 7.97
C ASN A 54 12.43 22.82 6.54
N LYS A 55 12.08 21.60 6.14
N LYS A 55 12.09 21.61 6.13
CA LYS A 55 12.40 21.08 4.81
CA LYS A 55 12.40 21.14 4.79
C LYS A 55 11.16 20.91 3.94
C LYS A 55 11.15 20.75 3.99
N GLY A 56 9.97 21.12 4.49
CA GLY A 56 8.74 20.92 3.76
C GLY A 56 7.65 20.33 4.63
N TYR A 57 6.44 20.84 4.44
CA TYR A 57 5.24 20.30 5.06
C TYR A 57 4.14 20.22 4.01
N VAL A 58 3.42 19.10 3.99
CA VAL A 58 2.25 18.92 3.13
C VAL A 58 1.15 18.34 3.98
N GLU A 59 -0.07 18.86 3.80
CA GLU A 59 -1.25 18.28 4.43
C GLU A 59 -2.33 18.12 3.37
N ALA A 60 -3.02 16.98 3.39
CA ALA A 60 -4.07 16.67 2.42
C ALA A 60 -5.21 15.96 3.11
N GLU A 61 -6.33 15.85 2.39
CA GLU A 61 -7.55 15.26 2.94
C GLU A 61 -8.21 14.36 1.92
N LEU A 62 -8.86 13.32 2.45
CA LEU A 62 -9.76 12.47 1.69
C LEU A 62 -11.11 12.48 2.41
N ASP A 63 -12.17 12.83 1.67
CA ASP A 63 -13.51 12.74 2.24
C ASP A 63 -13.97 11.28 2.18
N ILE A 64 -14.56 10.82 3.28
CA ILE A 64 -15.01 9.44 3.38
C ILE A 64 -16.53 9.38 3.24
N ASN A 65 -17.01 8.41 2.45
CA ASN A 65 -18.41 8.02 2.42
C ASN A 65 -18.46 6.51 2.29
N PRO A 66 -19.59 5.89 2.64
CA PRO A 66 -19.64 4.42 2.69
C PRO A 66 -19.50 3.71 1.36
N ASP A 67 -19.56 4.43 0.24
CA ASP A 67 -19.56 3.81 -1.09
C ASP A 67 -18.23 3.93 -1.81
N LEU A 68 -17.19 4.47 -1.16
CA LEU A 68 -15.87 4.45 -1.78
C LEU A 68 -15.51 3.02 -2.15
N TRP A 69 -14.87 2.85 -3.31
CA TRP A 69 -14.77 1.53 -3.92
C TRP A 69 -14.11 0.51 -3.02
N PHE A 70 -13.12 0.93 -2.22
CA PHE A 70 -12.36 -0.06 -1.46
C PHE A 70 -13.16 -0.68 -0.32
N PHE A 71 -14.22 -0.02 0.15
CA PHE A 71 -14.98 -0.58 1.27
C PHE A 71 -15.69 -1.87 0.88
N GLY A 72 -16.24 -1.93 -0.33
CA GLY A 72 -17.04 -3.07 -0.74
C GLY A 72 -16.23 -4.33 -0.98
N CYS A 73 -14.94 -4.19 -1.26
CA CYS A 73 -14.10 -5.34 -1.56
C CYS A 73 -13.06 -5.62 -0.48
N HIS A 74 -13.01 -4.81 0.57
CA HIS A 74 -12.01 -4.97 1.61
C HIS A 74 -12.64 -4.60 2.95
N PHE A 75 -13.36 -5.54 3.58
CA PHE A 75 -13.65 -6.89 3.12
C PHE A 75 -15.16 -7.02 2.97
N ILE A 76 -15.61 -7.98 2.17
CA ILE A 76 -17.02 -8.33 2.16
C ILE A 76 -17.44 -8.67 3.58
N GLY A 77 -18.45 -7.95 4.09
CA GLY A 77 -18.93 -8.14 5.44
C GLY A 77 -18.13 -7.46 6.52
N ASP A 78 -17.11 -6.67 6.19
CA ASP A 78 -16.23 -6.02 7.16
C ASP A 78 -15.50 -4.88 6.47
N PRO A 79 -16.20 -3.80 6.13
CA PRO A 79 -15.56 -2.71 5.36
C PRO A 79 -14.53 -1.95 6.19
N VAL A 80 -13.34 -1.76 5.63
CA VAL A 80 -12.30 -0.98 6.28
C VAL A 80 -11.34 -0.50 5.21
N MET A 81 -10.96 0.77 5.25
CA MET A 81 -10.04 1.25 4.22
C MET A 81 -8.73 0.49 4.31
N PRO A 82 -8.20 -0.03 3.21
CA PRO A 82 -6.88 -0.67 3.25
C PRO A 82 -5.82 0.29 3.76
N GLY A 83 -5.09 -0.12 4.79
CA GLY A 83 -3.98 0.67 5.25
C GLY A 83 -2.95 0.94 4.17
N CYS A 84 -2.77 -0.02 3.25
CA CYS A 84 -1.82 0.17 2.17
C CYS A 84 -2.14 1.39 1.32
N LEU A 85 -3.42 1.75 1.21
CA LEU A 85 -3.80 2.89 0.38
C LEU A 85 -3.57 4.22 1.10
N GLY A 86 -3.70 4.23 2.43
CA GLY A 86 -3.31 5.40 3.18
C GLY A 86 -1.80 5.59 3.17
N LEU A 87 -1.05 4.49 3.28
N LEU A 87 -1.06 4.49 3.26
CA LEU A 87 0.39 4.55 3.06
CA LEU A 87 0.38 4.53 3.06
C LEU A 87 0.70 5.11 1.67
C LEU A 87 0.72 5.06 1.68
N ASP A 88 0.00 4.61 0.65
CA ASP A 88 0.26 5.10 -0.69
C ASP A 88 -0.03 6.58 -0.83
N ALA A 89 -1.09 7.07 -0.18
CA ALA A 89 -1.38 8.50 -0.24
C ALA A 89 -0.18 9.31 0.23
N MET A 90 0.49 8.83 1.28
CA MET A 90 1.69 9.52 1.76
C MET A 90 2.81 9.48 0.74
N TRP A 91 3.07 8.32 0.13
CA TRP A 91 4.04 8.26 -0.97
C TRP A 91 3.66 9.21 -2.11
N GLN A 92 2.37 9.23 -2.46
N GLN A 92 2.39 9.26 -2.47
CA GLN A 92 1.86 10.11 -3.51
CA GLN A 92 2.06 10.15 -3.60
C GLN A 92 2.25 11.56 -3.22
C GLN A 92 2.24 11.61 -3.23
N LEU A 93 2.04 11.97 -1.97
CA LEU A 93 2.28 13.35 -1.57
C LEU A 93 3.77 13.69 -1.55
N VAL A 94 4.62 12.74 -1.18
CA VAL A 94 6.06 12.98 -1.25
C VAL A 94 6.50 13.24 -2.68
N GLY A 95 6.07 12.37 -3.62
CA GLY A 95 6.40 12.59 -5.01
C GLY A 95 5.83 13.89 -5.55
N PHE A 96 4.61 14.22 -5.17
CA PHE A 96 3.97 15.45 -5.61
C PHE A 96 4.77 16.66 -5.16
N TYR A 97 5.27 16.65 -3.92
CA TYR A 97 6.07 17.76 -3.43
C TYR A 97 7.35 17.93 -4.25
N LEU A 98 8.01 16.81 -4.58
CA LEU A 98 9.20 16.89 -5.41
C LEU A 98 8.89 17.53 -6.75
N GLY A 99 7.76 17.16 -7.36
CA GLY A 99 7.38 17.79 -8.61
C GLY A 99 6.98 19.25 -8.43
N TRP A 100 6.35 19.57 -7.30
CA TRP A 100 5.92 20.93 -7.02
C TRP A 100 7.10 21.89 -6.98
N LEU A 101 8.25 21.42 -6.50
CA LEU A 101 9.48 22.19 -6.51
C LEU A 101 10.19 22.19 -7.86
N GLY A 102 9.58 21.61 -8.88
CA GLY A 102 10.17 21.61 -10.21
C GLY A 102 10.92 20.35 -10.57
N GLY A 103 10.86 19.32 -9.72
CA GLY A 103 11.54 18.07 -10.04
C GLY A 103 10.96 17.43 -11.29
N GLU A 104 11.86 16.93 -12.14
CA GLU A 104 11.48 16.36 -13.41
C GLU A 104 11.46 14.84 -13.33
N GLY A 105 10.44 14.24 -13.90
CA GLY A 105 10.40 12.81 -14.08
C GLY A 105 9.14 12.21 -13.49
N LYS A 106 9.07 10.89 -13.61
CA LYS A 106 7.94 10.16 -13.08
C LYS A 106 8.27 9.66 -11.67
N GLY A 107 7.25 9.63 -10.82
CA GLY A 107 7.45 9.24 -9.44
C GLY A 107 7.43 7.73 -9.26
N ARG A 108 8.32 7.26 -8.38
CA ARG A 108 8.30 5.88 -7.91
C ARG A 108 8.60 5.86 -6.42
N ALA A 109 7.73 5.26 -5.62
CA ALA A 109 8.06 5.00 -4.24
C ALA A 109 9.28 4.06 -4.17
N LEU A 110 10.18 4.38 -3.23
CA LEU A 110 11.37 3.56 -3.01
C LEU A 110 11.29 2.74 -1.74
N GLY A 111 10.40 3.09 -0.83
CA GLY A 111 10.18 2.28 0.36
C GLY A 111 9.82 3.14 1.55
N VAL A 112 9.93 2.53 2.72
CA VAL A 112 9.59 3.19 3.97
C VAL A 112 10.36 2.48 5.08
N GLY A 113 10.67 3.22 6.13
CA GLY A 113 11.45 2.65 7.23
C GLY A 113 10.63 1.84 8.19
N GLU A 114 9.45 2.34 8.55
CA GLU A 114 8.58 1.63 9.48
C GLU A 114 7.20 2.22 9.37
N VAL A 115 6.19 1.35 9.46
CA VAL A 115 4.80 1.76 9.47
C VAL A 115 4.13 1.11 10.67
N LYS A 116 3.33 1.88 11.39
CA LYS A 116 2.53 1.37 12.49
C LYS A 116 1.08 1.74 12.26
N PHE A 117 0.20 0.75 12.27
CA PHE A 117 -1.25 0.97 12.17
C PHE A 117 -1.84 0.70 13.54
N THR A 118 -2.57 1.67 14.09
CA THR A 118 -3.19 1.52 15.41
C THR A 118 -4.68 1.78 15.41
N GLY A 119 -5.28 2.03 14.25
CA GLY A 119 -6.71 2.26 14.15
C GLY A 119 -7.12 2.11 12.71
N GLN A 120 -8.38 2.39 12.44
CA GLN A 120 -8.94 2.08 11.13
C GLN A 120 -9.85 3.21 10.65
N VAL A 121 -10.03 3.23 9.33
CA VAL A 121 -10.98 4.11 8.66
C VAL A 121 -12.20 3.28 8.30
N LEU A 122 -13.33 3.56 8.94
CA LEU A 122 -14.58 2.88 8.70
C LEU A 122 -15.50 3.72 7.84
N PRO A 123 -16.54 3.12 7.25
CA PRO A 123 -17.43 3.88 6.36
C PRO A 123 -18.18 5.01 7.02
N ASP A 124 -18.24 5.07 8.36
CA ASP A 124 -18.90 6.16 9.07
C ASP A 124 -17.97 7.34 9.35
N ALA A 125 -16.71 7.25 8.96
CA ALA A 125 -15.79 8.37 9.10
C ALA A 125 -16.16 9.48 8.12
N LYS A 126 -15.67 10.68 8.38
CA LYS A 126 -15.92 11.79 7.47
C LYS A 126 -14.66 12.29 6.76
N LYS A 127 -13.52 12.32 7.46
CA LYS A 127 -12.31 12.94 6.93
C LYS A 127 -11.09 12.10 7.28
N VAL A 128 -10.28 11.78 6.28
CA VAL A 128 -8.93 11.28 6.49
C VAL A 128 -7.97 12.41 6.19
N THR A 129 -7.01 12.63 7.11
CA THR A 129 -5.99 13.65 6.96
C THR A 129 -4.64 12.98 6.81
N TYR A 130 -3.84 13.48 5.87
CA TYR A 130 -2.46 13.06 5.68
C TYR A 130 -1.54 14.22 6.03
N ARG A 131 -0.53 13.96 6.86
CA ARG A 131 0.45 14.98 7.25
C ARG A 131 1.83 14.45 6.88
N ILE A 132 2.61 15.27 6.17
CA ILE A 132 3.94 14.89 5.69
C ILE A 132 4.94 15.94 6.16
N ASN A 133 5.97 15.50 6.88
CA ASN A 133 7.06 16.37 7.33
C ASN A 133 8.35 15.88 6.69
N PHE A 134 8.91 16.69 5.80
CA PHE A 134 10.11 16.27 5.08
C PHE A 134 11.34 16.32 5.96
N LYS A 135 12.24 15.36 5.74
CA LYS A 135 13.52 15.32 6.42
C LYS A 135 14.69 15.51 5.49
N ARG A 136 14.57 15.12 4.22
N ARG A 136 14.53 15.21 4.19
CA ARG A 136 15.58 15.45 3.25
CA ARG A 136 15.61 15.33 3.22
C ARG A 136 14.92 15.59 1.89
C ARG A 136 14.98 15.51 1.84
N VAL A 137 15.39 16.55 1.12
CA VAL A 137 14.90 16.82 -0.22
C VAL A 137 16.14 17.02 -1.08
N ILE A 138 16.33 16.14 -2.07
CA ILE A 138 17.44 16.23 -3.00
C ILE A 138 16.85 16.62 -4.34
N MET A 139 17.18 17.82 -4.81
CA MET A 139 16.59 18.39 -6.02
C MET A 139 17.59 18.51 -7.17
N ARG A 140 18.78 17.94 -7.01
CA ARG A 140 19.81 17.96 -8.03
C ARG A 140 20.17 16.55 -8.43
N LYS A 141 20.30 16.32 -9.74
CA LYS A 141 20.89 15.12 -10.33
C LYS A 141 20.00 13.89 -10.29
N LEU A 142 19.70 13.39 -9.10
CA LEU A 142 18.76 12.29 -8.91
C LEU A 142 17.81 12.73 -7.81
N ILE A 143 16.57 13.03 -8.19
N ILE A 143 16.57 13.04 -8.20
CA ILE A 143 15.66 13.75 -7.31
CA ILE A 143 15.61 13.64 -7.28
C ILE A 143 14.98 12.76 -6.37
C ILE A 143 15.12 12.59 -6.30
N MET A 144 15.04 13.04 -5.07
N MET A 144 15.15 12.93 -5.01
CA MET A 144 14.55 12.08 -4.08
CA MET A 144 14.68 12.02 -3.97
C MET A 144 14.19 12.80 -2.79
C MET A 144 14.14 12.84 -2.82
N GLY A 145 13.15 12.30 -2.13
CA GLY A 145 12.68 12.88 -0.89
C GLY A 145 12.48 11.81 0.17
N VAL A 146 12.77 12.19 1.42
CA VAL A 146 12.55 11.35 2.60
C VAL A 146 11.71 12.16 3.57
N ALA A 147 10.66 11.54 4.11
CA ALA A 147 9.74 12.25 5.00
C ALA A 147 9.16 11.27 6.02
N ASP A 148 8.67 11.83 7.12
CA ASP A 148 7.80 11.11 8.04
C ASP A 148 6.36 11.55 7.80
N GLY A 149 5.41 10.65 8.01
CA GLY A 149 4.02 10.98 7.75
C GLY A 149 3.11 10.34 8.78
N GLU A 150 1.93 10.94 8.93
CA GLU A 150 0.86 10.35 9.71
C GLU A 150 -0.45 10.41 8.94
N VAL A 151 -1.31 9.45 9.22
CA VAL A 151 -2.68 9.42 8.75
C VAL A 151 -3.60 9.53 9.96
N LEU A 152 -4.57 10.44 9.88
CA LEU A 152 -5.57 10.63 10.90
C LEU A 152 -6.94 10.37 10.32
N VAL A 153 -7.85 9.90 11.16
CA VAL A 153 -9.25 9.79 10.78
C VAL A 153 -10.06 10.61 11.78
N ASP A 154 -10.82 11.57 11.25
CA ASP A 154 -11.59 12.50 12.07
C ASP A 154 -10.78 13.01 13.27
N GLY A 155 -9.55 13.41 12.99
CA GLY A 155 -8.73 14.07 14.00
C GLY A 155 -7.89 13.17 14.88
N LYS A 156 -7.95 11.86 14.70
CA LYS A 156 -7.22 10.92 15.54
C LYS A 156 -6.16 10.20 14.73
N VAL A 157 -4.91 10.23 15.20
CA VAL A 157 -3.83 9.52 14.49
C VAL A 157 -4.09 8.03 14.53
N ILE A 158 -4.04 7.40 13.36
CA ILE A 158 -4.20 5.96 13.25
C ILE A 158 -3.02 5.27 12.57
N TYR A 159 -2.29 5.96 11.69
CA TYR A 159 -1.10 5.38 11.08
C TYR A 159 0.07 6.34 11.25
N THR A 160 1.25 5.78 11.48
CA THR A 160 2.49 6.53 11.41
C THR A 160 3.45 5.82 10.48
N ALA A 161 4.22 6.61 9.73
CA ALA A 161 5.25 6.08 8.84
C ALA A 161 6.49 6.93 9.03
N THR A 162 7.63 6.26 9.16
CA THR A 162 8.89 6.97 9.23
C THR A 162 9.75 6.61 8.02
N ASP A 163 10.43 7.63 7.50
CA ASP A 163 11.35 7.45 6.37
C ASP A 163 10.66 6.92 5.12
N LEU A 164 9.49 7.46 4.82
CA LEU A 164 8.94 7.35 3.47
C LEU A 164 9.95 7.89 2.49
N LYS A 165 10.22 7.13 1.41
N LYS A 165 10.11 7.20 1.36
CA LYS A 165 11.16 7.55 0.40
CA LYS A 165 11.16 7.52 0.39
C LYS A 165 10.51 7.44 -0.98
C LYS A 165 10.61 7.40 -1.02
N VAL A 166 10.72 8.48 -1.80
CA VAL A 166 10.21 8.51 -3.18
C VAL A 166 11.26 9.17 -4.06
N GLY A 167 11.43 8.64 -5.27
CA GLY A 167 12.32 9.26 -6.23
C GLY A 167 11.57 9.68 -7.48
N LEU A 168 12.12 10.64 -8.23
CA LEU A 168 11.64 10.94 -9.57
C LEU A 168 12.67 10.44 -10.57
N PHE A 169 12.20 9.93 -11.69
CA PHE A 169 13.06 9.33 -12.71
C PHE A 169 12.62 9.82 -14.08
N LYS A 170 13.54 10.41 -14.82
CA LYS A 170 13.19 10.85 -16.17
C LYS A 170 12.95 9.67 -17.11
N ASP A 171 13.60 8.53 -16.85
CA ASP A 171 13.49 7.36 -17.69
C ASP A 171 13.41 6.14 -16.77
N THR A 172 12.32 5.38 -16.87
CA THR A 172 12.13 4.19 -16.04
C THR A 172 12.22 2.89 -16.83
N ASN A 173 12.65 2.93 -18.09
CA ASN A 173 12.65 1.73 -18.92
C ASN A 173 13.68 0.70 -18.44
N SER B 1 -10.22 -22.64 18.44
CA SER B 1 -9.84 -22.48 17.03
C SER B 1 -11.01 -22.80 16.11
N ASN B 2 -10.80 -22.62 14.81
CA ASN B 2 -11.86 -22.73 13.81
C ASN B 2 -11.73 -24.06 13.07
N ALA B 3 -12.63 -25.00 13.34
CA ALA B 3 -12.60 -26.33 12.75
C ALA B 3 -13.13 -26.36 11.31
N MET B 4 -13.60 -25.25 10.78
N MET B 4 -13.64 -25.25 10.79
CA MET B 4 -14.29 -25.23 9.49
CA MET B 4 -14.30 -25.23 9.47
C MET B 4 -13.36 -24.88 8.34
C MET B 4 -13.33 -25.11 8.30
N VAL B 5 -12.04 -24.86 8.57
CA VAL B 5 -11.10 -24.53 7.51
C VAL B 5 -11.00 -25.67 6.51
N ASP B 6 -11.18 -25.36 5.23
CA ASP B 6 -10.83 -26.28 4.16
C ASP B 6 -9.32 -26.15 3.99
N LYS B 7 -8.57 -26.99 4.73
CA LYS B 7 -7.13 -26.83 4.87
C LYS B 7 -6.40 -27.70 3.85
N ARG B 8 -5.71 -27.05 2.93
CA ARG B 8 -4.91 -27.69 1.89
C ARG B 8 -3.61 -26.90 1.75
N GLU B 9 -2.62 -27.54 1.10
N GLU B 9 -2.61 -27.53 1.11
CA GLU B 9 -1.29 -26.95 0.96
CA GLU B 9 -1.29 -26.92 1.00
C GLU B 9 -1.21 -25.90 -0.14
C GLU B 9 -1.18 -25.94 -0.18
N SER B 10 -2.21 -25.84 -1.02
CA SER B 10 -2.23 -24.89 -2.10
C SER B 10 -3.68 -24.56 -2.40
N TYR B 11 -3.90 -23.41 -3.03
CA TYR B 11 -5.24 -22.91 -3.31
C TYR B 11 -5.30 -22.30 -4.69
N THR B 12 -6.42 -22.53 -5.38
CA THR B 12 -6.66 -22.02 -6.71
C THR B 12 -7.32 -20.65 -6.65
N LYS B 13 -7.45 -20.04 -7.83
CA LYS B 13 -8.17 -18.78 -7.94
C LYS B 13 -9.58 -18.88 -7.40
N GLU B 14 -10.28 -19.99 -7.71
N GLU B 14 -10.29 -19.97 -7.73
CA GLU B 14 -11.63 -20.19 -7.21
CA GLU B 14 -11.63 -20.17 -7.19
C GLU B 14 -11.64 -20.28 -5.69
C GLU B 14 -11.62 -20.23 -5.67
N ASP B 15 -10.63 -20.93 -5.09
CA ASP B 15 -10.52 -20.97 -3.64
C ASP B 15 -10.35 -19.56 -3.07
N LEU B 16 -9.54 -18.72 -3.74
CA LEU B 16 -9.32 -17.37 -3.21
C LEU B 16 -10.58 -16.53 -3.31
N GLU B 17 -11.38 -16.73 -4.36
CA GLU B 17 -12.65 -16.04 -4.46
C GLU B 17 -13.61 -16.52 -3.39
N ALA B 18 -13.62 -17.83 -3.13
CA ALA B 18 -14.41 -18.37 -2.02
C ALA B 18 -13.99 -17.75 -0.70
N SER B 19 -12.68 -17.57 -0.50
CA SER B 19 -12.17 -16.93 0.71
C SER B 19 -12.71 -15.51 0.85
N GLY B 20 -12.73 -14.75 -0.24
CA GLY B 20 -13.26 -13.41 -0.18
C GLY B 20 -14.71 -13.37 0.27
N ARG B 21 -15.47 -14.41 -0.05
CA ARG B 21 -16.87 -14.54 0.35
C ARG B 21 -17.04 -15.21 1.71
N GLY B 22 -15.95 -15.48 2.42
CA GLY B 22 -16.03 -16.07 3.74
C GLY B 22 -16.21 -17.57 3.75
N GLU B 23 -16.18 -18.22 2.59
CA GLU B 23 -16.55 -19.63 2.49
C GLU B 23 -15.40 -20.57 2.83
N LEU B 24 -14.16 -20.20 2.47
CA LEU B 24 -13.06 -21.16 2.51
C LEU B 24 -12.73 -21.57 3.95
N PHE B 25 -12.69 -20.60 4.85
CA PHE B 25 -12.43 -20.85 6.26
C PHE B 25 -13.71 -20.90 7.10
N GLY B 26 -14.83 -20.47 6.55
CA GLY B 26 -16.07 -20.43 7.31
C GLY B 26 -16.21 -19.15 8.11
N ALA B 27 -17.27 -19.15 8.92
CA ALA B 27 -17.71 -17.92 9.58
C ALA B 27 -16.64 -17.33 10.47
N GLY B 28 -15.89 -18.18 11.19
CA GLY B 28 -14.98 -17.65 12.19
C GLY B 28 -13.64 -17.15 11.68
N GLY B 29 -13.34 -17.34 10.40
CA GLY B 29 -12.00 -17.09 9.90
C GLY B 29 -11.86 -15.84 9.04
N PRO B 30 -10.64 -15.38 8.86
CA PRO B 30 -10.42 -14.12 8.13
C PRO B 30 -10.57 -14.30 6.64
N PRO B 31 -11.46 -13.55 6.00
CA PRO B 31 -11.54 -13.59 4.53
C PRO B 31 -10.40 -12.82 3.90
N LEU B 32 -10.03 -13.22 2.68
CA LEU B 32 -9.17 -12.39 1.85
C LEU B 32 -9.98 -11.20 1.32
N PRO B 33 -9.32 -10.15 0.84
CA PRO B 33 -10.05 -9.14 0.07
C PRO B 33 -10.60 -9.76 -1.19
N ALA B 34 -11.59 -9.09 -1.77
CA ALA B 34 -12.24 -9.54 -2.98
C ALA B 34 -11.89 -8.62 -4.14
N GLY B 35 -12.11 -9.15 -5.34
CA GLY B 35 -12.08 -8.34 -6.55
C GLY B 35 -10.86 -7.47 -6.71
N ASN B 36 -11.06 -6.16 -6.80
CA ASN B 36 -9.97 -5.25 -7.11
C ASN B 36 -8.94 -5.11 -6.00
N MET B 37 -9.22 -5.58 -4.78
CA MET B 37 -8.19 -5.62 -3.75
C MET B 37 -7.52 -6.98 -3.60
N LEU B 38 -7.97 -8.01 -4.30
CA LEU B 38 -7.28 -9.30 -4.25
C LEU B 38 -6.05 -9.24 -5.16
N MET B 39 -4.87 -9.47 -4.59
CA MET B 39 -3.62 -9.25 -5.29
C MET B 39 -2.88 -10.53 -5.64
N MET B 40 -3.60 -11.67 -5.67
N MET B 40 -3.59 -11.64 -5.71
CA MET B 40 -3.04 -12.98 -5.96
CA MET B 40 -2.96 -12.85 -6.21
C MET B 40 -4.05 -13.80 -6.75
C MET B 40 -4.03 -13.70 -6.88
N ASP B 41 -3.55 -14.66 -7.65
CA ASP B 41 -4.39 -15.62 -8.35
C ASP B 41 -4.34 -17.00 -7.73
N ARG B 42 -3.25 -17.36 -7.05
CA ARG B 42 -3.16 -18.68 -6.49
C ARG B 42 -2.15 -18.66 -5.35
N ILE B 43 -2.36 -19.56 -4.39
CA ILE B 43 -1.38 -19.84 -3.35
C ILE B 43 -0.74 -21.16 -3.75
N VAL B 44 0.55 -21.13 -4.06
N VAL B 44 0.55 -21.10 -4.08
CA VAL B 44 1.21 -22.30 -4.59
CA VAL B 44 1.27 -22.27 -4.58
C VAL B 44 1.79 -23.22 -3.51
C VAL B 44 1.60 -23.23 -3.44
N LYS B 45 2.02 -22.70 -2.30
CA LYS B 45 2.50 -23.56 -1.23
C LYS B 45 2.33 -22.89 0.12
N MET B 46 1.87 -23.69 1.08
N MET B 46 1.87 -23.68 1.08
CA MET B 46 1.79 -23.33 2.49
CA MET B 46 1.85 -23.28 2.48
C MET B 46 2.49 -24.43 3.26
C MET B 46 2.47 -24.41 3.28
N ILE B 47 3.40 -24.06 4.17
CA ILE B 47 4.15 -25.05 4.95
C ILE B 47 4.16 -24.59 6.41
N GLU B 48 3.45 -25.32 7.26
CA GLU B 48 3.50 -25.05 8.69
C GLU B 48 4.91 -25.31 9.21
N ASP B 49 5.46 -24.34 9.93
CA ASP B 49 6.82 -24.42 10.46
C ASP B 49 7.89 -24.54 9.37
N GLY B 50 7.58 -24.14 8.14
CA GLY B 50 8.55 -24.10 7.07
C GLY B 50 9.24 -22.76 6.96
N GLY B 51 9.96 -22.59 5.87
CA GLY B 51 10.61 -21.32 5.60
C GLY B 51 11.93 -21.14 6.33
N SER B 52 12.47 -19.93 6.17
CA SER B 52 13.84 -19.64 6.59
C SER B 52 14.03 -19.70 8.10
N HIS B 53 12.97 -19.51 8.88
CA HIS B 53 13.03 -19.56 10.34
C HIS B 53 12.30 -20.75 10.92
N ASN B 54 11.83 -21.66 10.08
CA ASN B 54 11.05 -22.82 10.50
C ASN B 54 9.83 -22.43 11.35
N LYS B 55 9.23 -21.29 11.01
CA LYS B 55 8.04 -20.80 11.68
C LYS B 55 6.86 -20.63 10.75
N GLY B 56 6.99 -21.00 9.48
CA GLY B 56 5.90 -20.88 8.53
C GLY B 56 6.36 -20.31 7.21
N TYR B 57 5.77 -20.81 6.11
CA TYR B 57 6.11 -20.36 4.78
C TYR B 57 4.85 -20.30 3.93
N VAL B 58 4.72 -19.25 3.14
CA VAL B 58 3.66 -19.15 2.14
C VAL B 58 4.24 -18.57 0.86
N GLU B 59 3.85 -19.13 -0.27
CA GLU B 59 4.19 -18.57 -1.57
C GLU B 59 2.93 -18.45 -2.42
N ALA B 60 2.79 -17.33 -3.11
CA ALA B 60 1.62 -17.08 -3.95
C ALA B 60 2.06 -16.40 -5.23
N GLU B 61 1.17 -16.37 -6.22
CA GLU B 61 1.49 -15.82 -7.52
C GLU B 61 0.33 -14.98 -8.03
N LEU B 62 0.67 -13.94 -8.79
CA LEU B 62 -0.30 -13.10 -9.51
C LEU B 62 0.12 -13.08 -10.98
N ASP B 63 -0.79 -13.49 -11.86
CA ASP B 63 -0.50 -13.41 -13.28
C ASP B 63 -0.70 -11.98 -13.76
N ILE B 64 0.20 -11.51 -14.62
CA ILE B 64 0.15 -10.13 -15.08
C ILE B 64 -0.42 -10.09 -16.50
N ASN B 65 -1.35 -9.19 -16.72
CA ASN B 65 -1.85 -8.90 -18.06
C ASN B 65 -2.14 -7.41 -18.12
N PRO B 66 -2.20 -6.82 -19.32
CA PRO B 66 -2.40 -5.37 -19.40
C PRO B 66 -3.75 -4.87 -18.91
N ASP B 67 -4.74 -5.75 -18.73
CA ASP B 67 -6.07 -5.33 -18.32
C ASP B 67 -6.23 -5.15 -16.82
N LEU B 68 -5.25 -5.54 -16.01
CA LEU B 68 -5.39 -5.37 -14.57
C LEU B 68 -5.64 -3.90 -14.26
N TRP B 69 -6.63 -3.65 -13.40
CA TRP B 69 -7.21 -2.33 -13.27
C TRP B 69 -6.19 -1.28 -12.86
N PHE B 70 -5.21 -1.64 -12.05
CA PHE B 70 -4.33 -0.62 -11.51
C PHE B 70 -3.37 -0.05 -12.55
N PHE B 71 -3.13 -0.75 -13.67
CA PHE B 71 -2.21 -0.21 -14.66
C PHE B 71 -2.78 1.05 -15.31
N GLY B 72 -4.10 1.08 -15.54
CA GLY B 72 -4.68 2.16 -16.30
C GLY B 72 -4.77 3.48 -15.56
N CYS B 73 -4.67 3.45 -14.24
CA CYS B 73 -4.78 4.66 -13.44
C CYS B 73 -3.52 4.97 -12.64
N HIS B 74 -2.47 4.18 -12.79
CA HIS B 74 -1.27 4.36 -11.98
C HIS B 74 -0.06 4.01 -12.86
N PHE B 75 0.44 4.95 -13.66
CA PHE B 75 -0.06 6.30 -13.86
C PHE B 75 -0.55 6.41 -15.30
N ILE B 76 -1.44 7.36 -15.59
CA ILE B 76 -1.86 7.56 -16.96
C ILE B 76 -0.62 7.81 -17.83
N GLY B 77 -0.48 7.03 -18.89
CA GLY B 77 0.67 7.11 -19.77
C GLY B 77 1.92 6.41 -19.28
N ASP B 78 1.92 5.86 -18.07
CA ASP B 78 3.13 5.33 -17.44
C ASP B 78 2.70 4.23 -16.46
N PRO B 79 2.29 3.07 -16.98
CA PRO B 79 1.69 2.04 -16.12
C PRO B 79 2.74 1.34 -15.28
N VAL B 80 2.41 1.15 -14.00
CA VAL B 80 3.30 0.41 -13.10
C VAL B 80 2.46 -0.09 -11.93
N MET B 81 2.60 -1.36 -11.56
CA MET B 81 1.80 -1.85 -10.44
C MET B 81 2.16 -1.05 -9.19
N PRO B 82 1.18 -0.54 -8.45
CA PRO B 82 1.48 0.15 -7.20
C PRO B 82 2.24 -0.77 -6.24
N GLY B 83 3.39 -0.29 -5.76
CA GLY B 83 4.11 -1.04 -4.75
C GLY B 83 3.27 -1.30 -3.52
N CYS B 84 2.37 -0.37 -3.18
CA CYS B 84 1.55 -0.55 -1.99
C CYS B 84 0.67 -1.79 -2.09
N LEU B 85 0.29 -2.19 -3.32
CA LEU B 85 -0.56 -3.36 -3.50
C LEU B 85 0.22 -4.65 -3.39
N GLY B 86 1.49 -4.64 -3.79
CA GLY B 86 2.35 -5.80 -3.55
C GLY B 86 2.66 -5.96 -2.07
N LEU B 87 2.87 -4.84 -1.38
CA LEU B 87 2.99 -4.89 0.06
C LEU B 87 1.72 -5.44 0.69
N ASP B 88 0.56 -4.99 0.20
CA ASP B 88 -0.69 -5.50 0.77
C ASP B 88 -0.85 -6.99 0.53
N ALA B 89 -0.46 -7.47 -0.66
CA ALA B 89 -0.53 -8.91 -0.90
C ALA B 89 0.21 -9.67 0.19
N MET B 90 1.36 -9.16 0.62
CA MET B 90 2.11 -9.82 1.67
C MET B 90 1.36 -9.79 3.00
N TRP B 91 0.78 -8.65 3.38
CA TRP B 91 -0.06 -8.60 4.58
C TRP B 91 -1.23 -9.57 4.47
N GLN B 92 -1.89 -9.64 3.32
N GLN B 92 -1.89 -9.59 3.29
CA GLN B 92 -3.03 -10.55 3.26
CA GLN B 92 -3.00 -10.50 3.02
C GLN B 92 -2.59 -12.00 3.37
C GLN B 92 -2.59 -11.95 3.33
N LEU B 93 -1.41 -12.34 2.88
CA LEU B 93 -0.93 -13.72 3.03
C LEU B 93 -0.60 -14.04 4.48
N VAL B 94 -0.08 -13.07 5.23
CA VAL B 94 0.20 -13.32 6.65
C VAL B 94 -1.11 -13.60 7.38
N GLY B 95 -2.13 -12.77 7.14
CA GLY B 95 -3.43 -13.00 7.78
C GLY B 95 -4.06 -14.31 7.36
N PHE B 96 -3.95 -14.65 6.08
CA PHE B 96 -4.50 -15.91 5.59
C PHE B 96 -3.85 -17.09 6.29
N TYR B 97 -2.53 -17.05 6.48
CA TYR B 97 -1.83 -18.12 7.18
C TYR B 97 -2.35 -18.29 8.60
N LEU B 98 -2.57 -17.18 9.30
CA LEU B 98 -3.12 -17.26 10.65
C LEU B 98 -4.48 -17.94 10.64
N GLY B 99 -5.33 -17.61 9.67
CA GLY B 99 -6.62 -18.27 9.57
C GLY B 99 -6.50 -19.72 9.15
N TRP B 100 -5.52 -20.03 8.29
CA TRP B 100 -5.29 -21.39 7.82
C TRP B 100 -4.98 -22.33 8.98
N LEU B 101 -4.26 -21.82 9.98
CA LEU B 101 -3.96 -22.57 11.19
C LEU B 101 -5.13 -22.61 12.16
N GLY B 102 -6.28 -22.07 11.78
CA GLY B 102 -7.47 -22.08 12.62
C GLY B 102 -7.70 -20.83 13.44
N GLY B 103 -6.91 -19.78 13.23
CA GLY B 103 -7.12 -18.55 13.97
C GLY B 103 -8.44 -17.91 13.61
N GLU B 104 -9.11 -17.39 14.63
CA GLU B 104 -10.44 -16.80 14.47
C GLU B 104 -10.34 -15.28 14.53
N GLY B 105 -11.10 -14.63 13.66
CA GLY B 105 -11.22 -13.19 13.67
C GLY B 105 -11.01 -12.61 12.29
N LYS B 106 -11.10 -11.29 12.24
CA LYS B 106 -10.89 -10.53 11.02
C LYS B 106 -9.47 -10.03 10.98
N GLY B 107 -8.87 -10.05 9.79
CA GLY B 107 -7.49 -9.64 9.66
C GLY B 107 -7.35 -8.12 9.61
N ARG B 108 -6.31 -7.62 10.28
CA ARG B 108 -5.88 -6.23 10.17
C ARG B 108 -4.36 -6.20 10.17
N ALA B 109 -3.79 -5.55 9.15
CA ALA B 109 -2.36 -5.28 9.20
C ALA B 109 -2.04 -4.36 10.38
N LEU B 110 -0.94 -4.65 11.05
CA LEU B 110 -0.48 -3.84 12.17
C LEU B 110 0.70 -2.96 11.80
N GLY B 111 1.40 -3.29 10.74
CA GLY B 111 2.49 -2.47 10.27
C GLY B 111 3.56 -3.31 9.62
N VAL B 112 4.71 -2.67 9.41
CA VAL B 112 5.85 -3.33 8.78
C VAL B 112 7.08 -2.57 9.21
N GLY B 113 8.23 -3.27 9.24
CA GLY B 113 9.51 -2.60 9.32
C GLY B 113 9.95 -2.13 7.95
N GLU B 114 11.24 -2.26 7.65
CA GLU B 114 11.77 -1.61 6.46
C GLU B 114 11.27 -2.29 5.19
N VAL B 115 10.83 -1.46 4.25
CA VAL B 115 10.38 -1.91 2.93
C VAL B 115 11.28 -1.22 1.92
N LYS B 116 11.79 -1.99 0.96
CA LYS B 116 12.60 -1.45 -0.12
C LYS B 116 12.02 -1.91 -1.45
N PHE B 117 11.76 -0.96 -2.33
CA PHE B 117 11.35 -1.24 -3.70
C PHE B 117 12.52 -0.88 -4.61
N THR B 118 12.98 -1.84 -5.40
CA THR B 118 14.12 -1.64 -6.27
C THR B 118 13.81 -1.88 -7.74
N GLY B 119 12.58 -2.26 -8.07
CA GLY B 119 12.20 -2.47 -9.44
C GLY B 119 10.70 -2.42 -9.55
N GLN B 120 10.19 -2.70 -10.75
CA GLN B 120 8.78 -2.46 -11.00
C GLN B 120 8.13 -3.63 -11.75
N VAL B 121 6.81 -3.68 -11.64
CA VAL B 121 5.97 -4.60 -12.39
C VAL B 121 5.31 -3.80 -13.50
N LEU B 122 5.67 -4.09 -14.75
CA LEU B 122 5.09 -3.47 -15.92
C LEU B 122 4.07 -4.40 -16.55
N PRO B 123 3.18 -3.88 -17.40
CA PRO B 123 2.11 -4.72 -17.96
C PRO B 123 2.58 -5.82 -18.89
N ASP B 124 3.83 -5.79 -19.37
CA ASP B 124 4.35 -6.89 -20.17
C ASP B 124 5.05 -7.96 -19.34
N ALA B 125 5.08 -7.81 -18.02
CA ALA B 125 5.54 -8.90 -17.17
C ALA B 125 4.58 -10.08 -17.28
N LYS B 126 5.03 -11.25 -16.84
N LYS B 126 5.03 -11.24 -16.82
CA LYS B 126 4.20 -12.44 -16.87
CA LYS B 126 4.23 -12.46 -16.88
C LYS B 126 3.63 -12.81 -15.51
C LYS B 126 3.67 -12.89 -15.53
N LYS B 127 4.44 -12.76 -14.46
CA LYS B 127 4.04 -13.37 -13.19
C LYS B 127 4.78 -12.68 -12.04
N VAL B 128 4.01 -12.31 -11.02
CA VAL B 128 4.56 -11.81 -9.75
C VAL B 128 4.49 -12.94 -8.73
N THR B 129 5.55 -13.08 -7.95
CA THR B 129 5.65 -14.08 -6.90
C THR B 129 5.80 -13.37 -5.55
N TYR B 130 5.05 -13.84 -4.56
CA TYR B 130 5.17 -13.39 -3.18
C TYR B 130 5.70 -14.56 -2.34
N ARG B 131 6.75 -14.31 -1.57
N ARG B 131 6.78 -14.32 -1.61
CA ARG B 131 7.32 -15.31 -0.68
CA ARG B 131 7.34 -15.31 -0.68
C ARG B 131 7.37 -14.78 0.74
C ARG B 131 7.29 -14.73 0.73
N ILE B 132 6.71 -15.48 1.66
CA ILE B 132 6.53 -15.05 3.05
C ILE B 132 7.24 -16.06 3.96
N ASN B 133 8.20 -15.59 4.73
CA ASN B 133 8.93 -16.40 5.69
C ASN B 133 8.57 -15.91 7.09
N PHE B 134 7.77 -16.68 7.81
CA PHE B 134 7.36 -16.28 9.14
C PHE B 134 8.52 -16.30 10.12
N LYS B 135 8.47 -15.37 11.07
CA LYS B 135 9.41 -15.36 12.17
C LYS B 135 8.77 -15.60 13.53
N ARG B 136 7.48 -15.30 13.68
CA ARG B 136 6.76 -15.67 14.90
C ARG B 136 5.28 -15.73 14.59
N VAL B 137 4.61 -16.70 15.22
CA VAL B 137 3.17 -16.87 15.14
C VAL B 137 2.66 -17.01 16.57
N ILE B 138 1.74 -16.15 16.97
CA ILE B 138 1.12 -16.18 18.30
C ILE B 138 -0.35 -16.48 18.08
N MET B 139 -0.79 -17.64 18.58
CA MET B 139 -2.13 -18.12 18.27
C MET B 139 -3.09 -18.05 19.45
N ARG B 140 -2.64 -17.54 20.61
CA ARG B 140 -3.50 -17.43 21.77
C ARG B 140 -3.65 -15.97 22.18
N LYS B 141 -4.80 -15.67 22.80
N LYS B 141 -4.80 -15.65 22.78
CA LYS B 141 -5.06 -14.38 23.45
CA LYS B 141 -5.14 -14.29 23.17
C LYS B 141 -5.12 -13.19 22.51
C LYS B 141 -5.12 -13.35 21.97
N LEU B 142 -4.02 -12.91 21.81
N LEU B 142 -4.14 -12.46 21.91
CA LEU B 142 -3.95 -11.80 20.86
CA LEU B 142 -3.99 -11.59 20.74
C LEU B 142 -3.20 -12.34 19.64
C LEU B 142 -3.23 -12.35 19.67
N ILE B 143 -3.95 -12.78 18.63
CA ILE B 143 -3.37 -13.54 17.53
C ILE B 143 -2.59 -12.61 16.61
N MET B 144 -1.33 -12.96 16.35
CA MET B 144 -0.45 -12.10 15.57
C MET B 144 0.57 -12.94 14.82
N GLY B 145 0.87 -12.53 13.60
CA GLY B 145 1.96 -13.10 12.83
C GLY B 145 2.96 -12.02 12.47
N VAL B 146 4.24 -12.37 12.53
CA VAL B 146 5.33 -11.49 12.11
C VAL B 146 6.16 -12.26 11.09
N ALA B 147 6.46 -11.64 9.95
CA ALA B 147 7.12 -12.34 8.85
C ALA B 147 7.96 -11.37 8.04
N ASP B 148 8.95 -11.92 7.33
CA ASP B 148 9.62 -11.20 6.26
C ASP B 148 9.02 -11.62 4.92
N GLY B 149 9.06 -10.72 3.96
CA GLY B 149 8.48 -11.00 2.66
C GLY B 149 9.37 -10.51 1.53
N GLU B 150 9.19 -11.14 0.37
CA GLU B 150 9.85 -10.76 -0.86
C GLU B 150 8.83 -10.80 -1.98
N VAL B 151 8.95 -9.85 -2.90
CA VAL B 151 8.16 -9.84 -4.12
C VAL B 151 9.12 -9.93 -5.29
N LEU B 152 8.83 -10.83 -6.23
CA LEU B 152 9.62 -10.99 -7.43
C LEU B 152 8.71 -10.79 -8.64
N VAL B 153 9.30 -10.30 -9.73
CA VAL B 153 8.58 -10.27 -11.00
C VAL B 153 9.41 -11.06 -12.00
N ASP B 154 8.79 -12.10 -12.58
CA ASP B 154 9.47 -12.98 -13.51
C ASP B 154 10.83 -13.40 -12.98
N GLY B 155 10.87 -13.77 -11.70
CA GLY B 155 12.06 -14.30 -11.07
C GLY B 155 13.08 -13.30 -10.56
N LYS B 156 12.82 -12.00 -10.70
CA LYS B 156 13.74 -10.95 -10.25
C LYS B 156 13.16 -10.32 -8.99
N VAL B 157 13.92 -10.34 -7.88
CA VAL B 157 13.45 -9.70 -6.65
C VAL B 157 13.34 -8.20 -6.88
N ILE B 158 12.19 -7.64 -6.54
CA ILE B 158 11.97 -6.20 -6.66
C ILE B 158 11.56 -5.53 -5.35
N TYR B 159 10.89 -6.25 -4.44
CA TYR B 159 10.53 -5.66 -3.15
C TYR B 159 10.97 -6.57 -2.04
N THR B 160 11.41 -5.96 -0.94
CA THR B 160 11.64 -6.70 0.31
C THR B 160 10.92 -5.97 1.42
N ALA B 161 10.42 -6.75 2.38
CA ALA B 161 9.76 -6.20 3.55
C ALA B 161 10.20 -6.99 4.77
N THR B 162 10.69 -6.28 5.78
N THR B 162 10.63 -6.27 5.80
CA THR B 162 11.04 -6.91 7.05
CA THR B 162 11.06 -6.86 7.06
C THR B 162 9.95 -6.64 8.07
C THR B 162 9.98 -6.62 8.11
N ASP B 163 9.64 -7.67 8.86
CA ASP B 163 8.74 -7.53 10.02
C ASP B 163 7.35 -7.01 9.64
N LEU B 164 6.78 -7.58 8.58
CA LEU B 164 5.35 -7.51 8.38
C LEU B 164 4.64 -8.05 9.62
N LYS B 165 3.61 -7.32 10.07
N LYS B 165 3.59 -7.34 10.06
CA LYS B 165 2.83 -7.72 11.24
CA LYS B 165 2.83 -7.73 11.24
C LYS B 165 1.34 -7.67 10.88
C LYS B 165 1.35 -7.65 10.93
N VAL B 166 0.63 -8.73 11.23
CA VAL B 166 -0.82 -8.80 11.02
C VAL B 166 -1.45 -9.44 12.25
N GLY B 167 -2.60 -8.91 12.67
CA GLY B 167 -3.36 -9.51 13.75
C GLY B 167 -4.71 -9.98 13.30
N LEU B 168 -5.31 -10.93 14.04
CA LEU B 168 -6.71 -11.29 13.87
C LEU B 168 -7.50 -10.74 15.05
N PHE B 169 -8.70 -10.22 14.76
CA PHE B 169 -9.54 -9.59 15.76
C PHE B 169 -10.97 -10.11 15.60
N LYS B 170 -11.51 -10.74 16.65
CA LYS B 170 -12.88 -11.21 16.58
C LYS B 170 -13.88 -10.07 16.67
N ASP B 171 -13.50 -8.97 17.33
N ASP B 171 -13.51 -8.96 17.32
CA ASP B 171 -14.33 -7.78 17.47
CA ASP B 171 -14.37 -7.79 17.44
C ASP B 171 -13.49 -6.58 17.05
C ASP B 171 -13.56 -6.55 17.11
N THR B 172 -13.93 -5.87 16.01
CA THR B 172 -13.23 -4.67 15.57
C THR B 172 -14.01 -3.42 15.94
#